data_1VPA
#
_entry.id   1VPA
#
_cell.length_a   144.230
_cell.length_b   144.230
_cell.length_c   53.724
_cell.angle_alpha   90.00
_cell.angle_beta   90.00
_cell.angle_gamma   120.00
#
_symmetry.space_group_name_H-M   'P 61'
#
loop_
_entity.id
_entity.type
_entity.pdbx_description
1 polymer '2-C-methyl-D-erythritol 4-phosphate cytidylyltransferase'
2 non-polymer 'MAGNESIUM ION'
3 non-polymer "CYTIDINE-5'-TRIPHOSPHATE"
4 non-polymer 'ACETIC ACID'
5 water water
#
_entity_poly.entity_id   1
_entity_poly.type   'polypeptide(L)'
_entity_poly.pdbx_seq_one_letter_code
;MGSDKIHHHHHHMNVAILLAAGKGERMSENVPKQFLEIEGRMLFEYPLSTFLKSEAIDGVVIVTRREWFEVVEKRVFHEK
VLGIVEGGDTRSQSVRSALEFLEKFSPSYVLVHDSARPFLRKKHVSEVLRRARETGAATLALKNSDALVRVENDRIEYIP
RKGVYRILTPQAFSYEILKKAHENGGEWADDTEPVQKLGVKIALVEGDPLCFKVTFKEDLELARIIAREWERIP
;
_entity_poly.pdbx_strand_id   A,B
#
loop_
_chem_comp.id
_chem_comp.type
_chem_comp.name
_chem_comp.formula
ACY non-polymer 'ACETIC ACID' 'C2 H4 O2'
CTP non-polymer CYTIDINE-5'-TRIPHOSPHATE 'C9 H16 N3 O14 P3'
MG non-polymer 'MAGNESIUM ION' 'Mg 2'
#
# COMPACT_ATOMS: atom_id res chain seq x y z
N HIS A 11 25.21 25.84 -12.91
CA HIS A 11 25.18 24.52 -12.18
C HIS A 11 24.10 24.56 -11.10
N HIS A 12 23.32 23.48 -11.03
CA HIS A 12 22.25 23.37 -10.03
C HIS A 12 22.36 22.04 -9.32
N MET A 13 23.27 22.02 -8.34
CA MET A 13 23.55 20.82 -7.54
C MET A 13 22.29 20.20 -6.90
N ASN A 14 22.11 18.91 -7.14
CA ASN A 14 21.08 18.12 -6.48
C ASN A 14 21.66 17.19 -5.46
N VAL A 15 21.29 17.40 -4.20
CA VAL A 15 21.71 16.53 -3.14
C VAL A 15 20.53 15.73 -2.56
N ALA A 16 20.81 14.47 -2.28
CA ALA A 16 19.86 13.53 -1.72
C ALA A 16 20.15 13.28 -0.24
N ILE A 17 19.08 13.22 0.53
CA ILE A 17 19.18 13.00 1.96
C ILE A 17 18.51 11.70 2.29
N LEU A 18 19.29 10.77 2.78
CA LEU A 18 18.79 9.46 3.14
C LEU A 18 18.55 9.40 4.66
N LEU A 19 17.28 9.38 5.03
CA LEU A 19 16.87 9.36 6.43
C LEU A 19 16.93 7.95 6.99
N ALA A 20 17.81 7.72 7.95
CA ALA A 20 18.00 6.40 8.55
C ALA A 20 18.40 6.54 10.02
N ALA A 21 17.73 7.47 10.70
CA ALA A 21 17.91 7.78 12.11
C ALA A 21 16.77 7.27 13.00
N GLY A 22 15.69 6.80 12.39
CA GLY A 22 14.57 6.24 13.14
C GLY A 22 14.87 4.92 13.83
N LYS A 23 13.92 4.49 14.67
CA LYS A 23 14.11 3.33 15.55
C LYS A 23 13.21 2.13 15.16
N GLY A 24 12.17 2.40 14.36
CA GLY A 24 11.31 1.33 13.88
C GLY A 24 10.59 0.61 15.00
N GLU A 25 10.03 1.39 15.91
CA GLU A 25 9.39 0.85 17.09
C GLU A 25 8.23 -0.04 16.74
N ARG A 26 7.48 0.34 15.70
CA ARG A 26 6.32 -0.45 15.28
C ARG A 26 6.69 -1.81 14.65
N MET A 27 7.95 -2.00 14.31
CA MET A 27 8.44 -3.28 13.77
C MET A 27 8.49 -4.37 14.83
N SER A 28 8.70 -3.94 16.07
CA SER A 28 8.92 -4.83 17.20
C SER A 28 10.12 -5.77 16.94
N GLU A 29 11.28 -5.16 16.66
CA GLU A 29 12.56 -5.88 16.55
C GLU A 29 13.60 -5.25 17.47
N ASN A 30 14.71 -5.96 17.69
CA ASN A 30 15.85 -5.40 18.42
C ASN A 30 16.55 -4.27 17.69
N VAL A 31 16.52 -4.36 16.37
CA VAL A 31 17.38 -3.58 15.48
C VAL A 31 16.48 -2.71 14.61
N PRO A 32 16.83 -1.43 14.46
CA PRO A 32 16.03 -0.58 13.60
C PRO A 32 15.92 -1.15 12.19
N LYS A 33 14.73 -1.06 11.63
CA LYS A 33 14.40 -1.67 10.34
C LYS A 33 15.39 -1.40 9.21
N GLN A 34 15.93 -0.19 9.18
CA GLN A 34 16.85 0.24 8.12
C GLN A 34 18.15 -0.55 8.11
N PHE A 35 18.48 -1.19 9.25
CA PHE A 35 19.71 -2.01 9.40
C PHE A 35 19.44 -3.52 9.41
N LEU A 36 18.18 -3.91 9.15
CA LEU A 36 17.87 -5.33 8.90
C LEU A 36 18.43 -5.75 7.55
N GLU A 37 18.99 -6.95 7.47
CA GLU A 37 19.51 -7.48 6.21
C GLU A 37 18.41 -8.19 5.42
N ILE A 38 18.40 -7.96 4.11
CA ILE A 38 17.63 -8.78 3.20
C ILE A 38 18.50 -9.04 1.99
N GLU A 39 18.44 -10.27 1.50
CA GLU A 39 19.36 -10.74 0.47
C GLU A 39 20.79 -10.23 0.67
N GLY A 40 21.27 -10.31 1.90
CA GLY A 40 22.65 -9.97 2.22
C GLY A 40 23.05 -8.50 2.17
N ARG A 41 22.10 -7.58 2.27
CA ARG A 41 22.43 -6.16 2.31
C ARG A 41 21.46 -5.50 3.27
N MET A 42 21.90 -4.44 3.94
CA MET A 42 20.99 -3.72 4.86
C MET A 42 19.96 -2.92 4.07
N LEU A 43 18.75 -2.82 4.58
CA LEU A 43 17.69 -2.14 3.84
C LEU A 43 18.14 -0.84 3.27
N PHE A 44 18.85 -0.04 4.07
CA PHE A 44 19.23 1.31 3.64
C PHE A 44 20.16 1.31 2.41
N GLU A 45 20.79 0.18 2.14
CA GLU A 45 21.70 0.06 1.03
C GLU A 45 20.98 0.08 -0.31
N TYR A 46 19.78 -0.48 -0.34
CA TYR A 46 19.01 -0.56 -1.56
C TYR A 46 18.78 0.84 -2.17
N PRO A 47 18.13 1.73 -1.43
CA PRO A 47 17.93 3.07 -1.97
C PRO A 47 19.21 3.86 -2.13
N LEU A 48 20.18 3.61 -1.25
CA LEU A 48 21.47 4.26 -1.34
C LEU A 48 22.11 4.07 -2.69
N SER A 49 22.05 2.87 -3.25
CA SER A 49 22.74 2.67 -4.53
C SER A 49 21.91 3.15 -5.69
N THR A 50 20.59 3.27 -5.54
CA THR A 50 19.84 3.98 -6.57
C THR A 50 20.35 5.43 -6.67
N PHE A 51 20.53 6.11 -5.55
CA PHE A 51 21.12 7.45 -5.55
C PHE A 51 22.57 7.51 -6.08
N LEU A 52 23.39 6.51 -5.73
CA LEU A 52 24.79 6.52 -6.16
C LEU A 52 24.95 6.22 -7.63
N LYS A 53 24.01 5.47 -8.20
CA LYS A 53 24.00 5.19 -9.64
C LYS A 53 23.25 6.27 -10.45
N SER A 54 22.58 7.19 -9.77
CA SER A 54 21.73 8.20 -10.43
C SER A 54 22.50 9.44 -10.82
N GLU A 55 22.54 9.70 -12.12
CA GLU A 55 23.21 10.87 -12.67
C GLU A 55 22.59 12.20 -12.24
N ALA A 56 21.31 12.20 -11.92
CA ALA A 56 20.62 13.38 -11.37
C ALA A 56 21.10 13.77 -9.96
N ILE A 57 21.83 12.87 -9.30
CA ILE A 57 22.27 13.09 -7.92
C ILE A 57 23.75 13.40 -7.84
N ASP A 58 24.05 14.65 -7.48
CA ASP A 58 25.44 15.11 -7.34
C ASP A 58 26.07 14.69 -5.99
N GLY A 59 25.27 14.58 -4.94
CA GLY A 59 25.78 14.19 -3.64
C GLY A 59 24.74 13.56 -2.72
N VAL A 60 25.22 12.83 -1.72
CA VAL A 60 24.37 12.12 -0.78
C VAL A 60 24.80 12.41 0.66
N VAL A 61 23.80 12.61 1.52
CA VAL A 61 24.00 12.70 2.95
C VAL A 61 23.18 11.59 3.58
N ILE A 62 23.83 10.78 4.39
CA ILE A 62 23.15 9.73 5.16
C ILE A 62 23.02 10.18 6.61
N VAL A 63 21.77 10.18 7.07
CA VAL A 63 21.42 10.64 8.39
C VAL A 63 21.08 9.44 9.28
N THR A 64 21.88 9.23 10.31
CA THR A 64 21.62 8.14 11.23
C THR A 64 21.94 8.53 12.67
N ARG A 65 21.63 7.65 13.61
CA ARG A 65 21.97 7.91 15.01
C ARG A 65 23.45 7.65 15.25
N ARG A 66 23.98 8.29 16.28
CA ARG A 66 25.41 8.26 16.55
C ARG A 66 25.91 6.81 16.67
N GLU A 67 25.11 5.93 17.24
CA GLU A 67 25.54 4.55 17.45
C GLU A 67 25.66 3.71 16.17
N TRP A 68 25.10 4.21 15.07
CA TRP A 68 25.16 3.50 13.80
C TRP A 68 26.19 4.01 12.80
N PHE A 69 26.96 5.04 13.16
CA PHE A 69 27.96 5.63 12.27
C PHE A 69 28.95 4.61 11.73
N GLU A 70 29.45 3.71 12.57
CA GLU A 70 30.45 2.75 12.08
C GLU A 70 29.87 1.71 11.13
N VAL A 71 28.70 1.16 11.50
CA VAL A 71 27.97 0.21 10.68
C VAL A 71 27.71 0.80 9.30
N VAL A 72 27.47 2.10 9.23
CA VAL A 72 27.27 2.77 7.94
C VAL A 72 28.63 2.99 7.27
N GLU A 73 29.57 3.60 7.99
CA GLU A 73 30.92 3.86 7.44
C GLU A 73 31.53 2.63 6.81
N LYS A 74 31.26 1.44 7.35
CA LYS A 74 31.89 0.21 6.82
C LYS A 74 31.14 -0.42 5.63
N ARG A 75 30.06 0.21 5.18
CA ARG A 75 29.28 -0.29 4.06
C ARG A 75 29.18 0.70 2.90
N VAL A 76 29.78 1.87 3.08
CA VAL A 76 29.63 2.98 2.15
C VAL A 76 31.01 3.56 1.87
N PHE A 77 31.50 3.26 0.68
CA PHE A 77 32.70 3.91 0.12
C PHE A 77 32.27 4.41 -1.24
N HIS A 78 31.93 5.69 -1.33
CA HIS A 78 31.59 6.27 -2.62
C HIS A 78 31.80 7.75 -2.58
N GLU A 79 32.46 8.27 -3.61
CA GLU A 79 32.82 9.68 -3.67
C GLU A 79 31.62 10.62 -3.59
N LYS A 80 30.43 10.19 -4.04
CA LYS A 80 29.18 10.98 -3.93
C LYS A 80 28.67 11.20 -2.49
N VAL A 81 29.15 10.41 -1.54
CA VAL A 81 28.71 10.53 -0.16
C VAL A 81 29.49 11.65 0.51
N LEU A 82 28.75 12.71 0.86
CA LEU A 82 29.32 13.95 1.38
C LEU A 82 29.54 13.86 2.88
N GLY A 83 28.79 13.00 3.55
CA GLY A 83 28.90 12.86 4.99
C GLY A 83 27.84 11.95 5.58
N ILE A 84 28.16 11.42 6.74
CA ILE A 84 27.20 10.72 7.58
C ILE A 84 26.90 11.70 8.68
N VAL A 85 25.63 11.99 8.90
CA VAL A 85 25.23 13.10 9.74
C VAL A 85 24.26 12.63 10.81
N GLU A 86 24.49 13.11 12.03
CA GLU A 86 23.71 12.71 13.17
C GLU A 86 22.26 13.12 13.04
N GLY A 87 21.36 12.16 13.19
CA GLY A 87 19.92 12.43 13.12
C GLY A 87 19.42 13.14 14.37
N GLY A 88 18.11 13.42 14.39
CA GLY A 88 17.47 13.97 15.57
C GLY A 88 16.55 12.95 16.20
N ASP A 89 15.80 13.42 17.19
CA ASP A 89 14.83 12.56 17.86
C ASP A 89 13.57 12.39 17.00
N THR A 90 13.43 13.19 15.94
CA THR A 90 12.31 13.06 15.01
C THR A 90 12.77 13.16 13.58
N ARG A 91 11.92 12.64 12.70
CA ARG A 91 12.09 12.80 11.27
C ARG A 91 12.40 14.26 10.89
N SER A 92 11.58 15.22 11.32
CA SER A 92 11.80 16.62 10.97
C SER A 92 13.16 17.08 11.47
N GLN A 93 13.53 16.70 12.68
CA GLN A 93 14.82 17.09 13.23
C GLN A 93 15.95 16.43 12.45
N SER A 94 15.71 15.22 11.96
CA SER A 94 16.74 14.56 11.18
C SER A 94 16.90 15.31 9.86
N VAL A 95 15.77 15.75 9.28
CA VAL A 95 15.85 16.58 8.08
C VAL A 95 16.68 17.83 8.38
N ARG A 96 16.30 18.60 9.39
CA ARG A 96 17.01 19.85 9.73
C ARG A 96 18.52 19.65 9.91
N SER A 97 18.90 18.58 10.60
CA SER A 97 20.30 18.23 10.81
C SER A 97 21.08 18.11 9.48
N ALA A 98 20.40 17.59 8.45
CA ALA A 98 20.99 17.45 7.12
C ALA A 98 21.10 18.81 6.43
N LEU A 99 20.08 19.63 6.60
CA LEU A 99 20.09 20.96 6.01
C LEU A 99 21.24 21.81 6.56
N GLU A 100 21.54 21.69 7.84
CA GLU A 100 22.60 22.48 8.44
C GLU A 100 23.94 22.00 7.91
N PHE A 101 24.09 20.69 7.78
CA PHE A 101 25.31 20.12 7.21
C PHE A 101 25.53 20.54 5.76
N LEU A 102 24.44 20.57 4.99
CA LEU A 102 24.51 20.95 3.57
C LEU A 102 24.69 22.45 3.33
N GLU A 103 24.43 23.26 4.35
CA GLU A 103 24.51 24.71 4.21
C GLU A 103 25.82 25.16 3.57
N LYS A 104 26.96 24.60 3.98
CA LYS A 104 28.27 24.98 3.40
C LYS A 104 28.41 24.75 1.90
N PHE A 105 27.57 23.87 1.35
CA PHE A 105 27.61 23.52 -0.06
C PHE A 105 26.72 24.40 -0.93
N SER A 106 25.71 24.99 -0.30
CA SER A 106 24.73 25.86 -0.95
C SER A 106 24.06 25.20 -2.18
N PRO A 107 23.51 23.98 -1.98
CA PRO A 107 22.95 23.18 -3.07
C PRO A 107 21.66 23.75 -3.58
N SER A 108 21.42 23.63 -4.88
CA SER A 108 20.23 24.23 -5.50
C SER A 108 18.96 23.47 -5.15
N TYR A 109 19.02 22.14 -5.13
CA TYR A 109 17.86 21.28 -4.89
C TYR A 109 18.25 20.15 -3.95
N VAL A 110 17.25 19.70 -3.20
CA VAL A 110 17.45 18.66 -2.20
C VAL A 110 16.32 17.62 -2.28
N LEU A 111 16.72 16.36 -2.32
CA LEU A 111 15.79 15.24 -2.40
C LEU A 111 15.82 14.50 -1.08
N VAL A 112 14.65 14.24 -0.51
CA VAL A 112 14.56 13.58 0.81
C VAL A 112 13.87 12.23 0.63
N HIS A 113 14.38 11.19 1.32
CA HIS A 113 13.84 9.86 1.15
C HIS A 113 13.93 9.03 2.41
N ASP A 114 12.83 8.36 2.76
CA ASP A 114 12.86 7.44 3.90
C ASP A 114 13.65 6.24 3.48
N SER A 115 14.71 5.91 4.23
CA SER A 115 15.48 4.72 3.93
C SER A 115 14.62 3.47 4.06
N ALA A 116 13.57 3.54 4.87
CA ALA A 116 12.64 2.43 5.07
C ALA A 116 11.73 2.14 3.87
N ARG A 117 11.77 2.99 2.86
CA ARG A 117 11.21 2.68 1.55
C ARG A 117 12.41 2.30 0.74
N PRO A 118 12.73 1.01 0.65
CA PRO A 118 14.01 0.65 0.06
C PRO A 118 14.05 0.50 -1.46
N PHE A 119 12.89 0.30 -2.07
CA PHE A 119 12.83 -0.06 -3.50
C PHE A 119 12.56 1.15 -4.39
N LEU A 120 13.55 2.02 -4.42
CA LEU A 120 13.51 3.28 -5.10
C LEU A 120 14.08 3.11 -6.51
N ARG A 121 13.33 3.56 -7.53
CA ARG A 121 13.77 3.49 -8.90
C ARG A 121 14.42 4.78 -9.39
N LYS A 122 15.38 4.60 -10.27
CA LYS A 122 16.05 5.69 -10.98
C LYS A 122 15.02 6.68 -11.53
N LYS A 123 14.09 6.22 -12.36
CA LYS A 123 13.13 7.13 -12.98
C LYS A 123 12.38 8.01 -11.98
N HIS A 124 12.06 7.48 -10.81
CA HIS A 124 11.37 8.26 -9.79
C HIS A 124 12.20 9.43 -9.26
N VAL A 125 13.49 9.17 -9.03
CA VAL A 125 14.41 10.19 -8.56
C VAL A 125 14.45 11.37 -9.53
N SER A 126 14.63 11.09 -10.81
CA SER A 126 14.84 12.17 -11.78
C SER A 126 13.54 12.89 -12.08
N GLU A 127 12.45 12.16 -12.03
CA GLU A 127 11.15 12.76 -12.30
C GLU A 127 10.74 13.72 -11.17
N VAL A 128 10.97 13.33 -9.93
CA VAL A 128 10.59 14.17 -8.80
C VAL A 128 11.49 15.42 -8.73
N LEU A 129 12.77 15.27 -9.07
CA LEU A 129 13.70 16.37 -9.10
C LEU A 129 13.37 17.36 -10.21
N ARG A 130 13.03 16.89 -11.40
CA ARG A 130 12.72 17.86 -12.45
C ARG A 130 11.36 18.50 -12.17
N ARG A 131 10.52 17.78 -11.47
CA ARG A 131 9.21 18.29 -11.15
C ARG A 131 9.30 19.33 -10.03
N ALA A 132 10.33 19.20 -9.20
CA ALA A 132 10.67 20.22 -8.22
C ALA A 132 11.38 21.46 -8.82
N ARG A 133 12.03 21.30 -9.98
CA ARG A 133 12.62 22.44 -10.70
C ARG A 133 11.58 23.44 -11.10
N GLU A 134 10.44 22.95 -11.55
CA GLU A 134 9.40 23.81 -12.06
C GLU A 134 8.63 24.51 -10.95
N THR A 135 8.32 23.82 -9.87
CA THR A 135 7.41 24.34 -8.84
C THR A 135 8.07 24.75 -7.53
N GLY A 136 9.16 24.08 -7.19
CA GLY A 136 9.90 24.34 -5.95
C GLY A 136 9.77 23.18 -4.99
N ALA A 137 8.76 22.34 -5.24
CA ALA A 137 8.35 21.33 -4.30
C ALA A 137 7.56 20.22 -5.01
N ALA A 138 7.90 18.98 -4.69
CA ALA A 138 7.25 17.83 -5.28
C ALA A 138 7.46 16.58 -4.45
N THR A 139 6.53 15.65 -4.58
CA THR A 139 6.66 14.39 -3.89
C THR A 139 6.03 13.29 -4.69
N LEU A 140 6.65 12.12 -4.57
CA LEU A 140 6.08 10.93 -5.14
C LEU A 140 4.85 10.64 -4.29
N ALA A 141 3.83 10.10 -4.94
CA ALA A 141 2.53 9.88 -4.30
C ALA A 141 1.77 8.78 -5.04
N LEU A 142 0.75 8.24 -4.38
CA LEU A 142 -0.01 7.10 -4.89
C LEU A 142 -1.47 7.31 -4.60
N LYS A 143 -2.30 7.18 -5.64
CA LYS A 143 -3.76 7.20 -5.50
C LYS A 143 -4.19 6.09 -4.57
N ASN A 144 -5.09 6.39 -3.66
CA ASN A 144 -5.69 5.37 -2.82
C ASN A 144 -6.41 4.35 -3.69
N SER A 145 -6.34 3.06 -3.33
CA SER A 145 -7.13 2.02 -4.01
C SER A 145 -7.98 1.14 -3.07
N ASP A 146 -8.08 1.53 -1.80
CA ASP A 146 -8.81 0.78 -0.82
C ASP A 146 -9.90 1.64 -0.22
N ALA A 147 -10.95 1.00 0.30
CA ALA A 147 -11.83 1.69 1.20
C ALA A 147 -11.02 2.19 2.41
N LEU A 148 -11.35 3.36 2.92
CA LEU A 148 -10.56 3.97 3.99
C LEU A 148 -11.45 4.27 5.19
N VAL A 149 -10.93 3.97 6.38
CA VAL A 149 -11.68 4.16 7.62
C VAL A 149 -10.87 4.69 8.77
N ARG A 150 -11.59 5.25 9.73
CA ARG A 150 -11.02 5.72 10.99
C ARG A 150 -11.79 5.04 12.09
N VAL A 151 -11.10 4.61 13.14
CA VAL A 151 -11.76 3.99 14.29
C VAL A 151 -12.02 5.04 15.36
N GLU A 152 -13.28 5.23 15.74
CA GLU A 152 -13.67 6.06 16.89
C GLU A 152 -14.49 5.23 17.88
N ASN A 153 -14.03 5.17 19.13
CA ASN A 153 -14.66 4.45 20.24
C ASN A 153 -15.55 3.25 19.84
N ASP A 154 -14.92 2.25 19.20
CA ASP A 154 -15.59 1.00 18.80
C ASP A 154 -16.66 1.16 17.69
N ARG A 155 -16.46 2.13 16.81
CA ARG A 155 -17.20 2.24 15.55
C ARG A 155 -16.17 2.66 14.54
N ILE A 156 -16.37 2.28 13.27
CA ILE A 156 -15.46 2.69 12.20
C ILE A 156 -16.15 3.70 11.26
N GLU A 157 -15.52 4.86 11.10
CA GLU A 157 -15.96 5.88 10.15
C GLU A 157 -15.35 5.61 8.79
N TYR A 158 -16.21 5.62 7.79
CA TYR A 158 -15.82 5.39 6.40
C TYR A 158 -15.48 6.73 5.77
N ILE A 159 -14.19 6.93 5.52
CA ILE A 159 -13.67 8.21 5.06
C ILE A 159 -13.94 8.38 3.57
N PRO A 160 -14.39 9.59 3.16
CA PRO A 160 -14.53 9.88 1.74
C PRO A 160 -13.21 9.68 0.98
N ARG A 161 -13.29 9.14 -0.23
CA ARG A 161 -12.10 8.68 -0.97
C ARG A 161 -11.66 9.54 -2.16
N LYS A 162 -12.54 10.42 -2.64
CA LYS A 162 -12.19 11.28 -3.78
C LYS A 162 -10.92 12.08 -3.52
N GLY A 163 -10.00 12.02 -4.47
CA GLY A 163 -8.78 12.79 -4.42
C GLY A 163 -7.83 12.43 -3.31
N VAL A 164 -7.96 11.23 -2.75
CA VAL A 164 -7.08 10.83 -1.67
C VAL A 164 -5.81 10.17 -2.22
N TYR A 165 -4.67 10.53 -1.63
CA TYR A 165 -3.37 10.07 -2.07
C TYR A 165 -2.52 9.70 -0.87
N ARG A 166 -1.76 8.61 -0.96
CA ARG A 166 -0.72 8.33 0.01
C ARG A 166 0.50 9.12 -0.39
N ILE A 167 1.05 9.92 0.51
CA ILE A 167 2.31 10.58 0.23
C ILE A 167 3.50 9.61 0.47
N LEU A 168 4.24 9.33 -0.59
CA LEU A 168 5.47 8.55 -0.51
C LEU A 168 6.66 9.48 -0.39
N THR A 169 7.87 8.92 -0.40
CA THR A 169 9.10 9.67 -0.72
C THR A 169 9.70 8.88 -1.86
N PRO A 170 10.60 9.48 -2.67
CA PRO A 170 11.27 10.76 -2.56
C PRO A 170 10.34 11.96 -2.56
N GLN A 171 10.74 12.97 -1.79
CA GLN A 171 10.19 14.32 -1.95
C GLN A 171 11.39 15.19 -2.29
N ALA A 172 11.17 16.22 -3.11
CA ALA A 172 12.27 17.09 -3.52
C ALA A 172 11.87 18.56 -3.51
N PHE A 173 12.81 19.42 -3.12
CA PHE A 173 12.56 20.84 -3.00
C PHE A 173 13.80 21.64 -3.41
N SER A 174 13.58 22.88 -3.85
CA SER A 174 14.66 23.85 -3.79
C SER A 174 15.08 24.00 -2.31
N TYR A 175 16.38 24.02 -2.08
CA TYR A 175 16.96 24.00 -0.75
C TYR A 175 16.46 25.16 0.11
N GLU A 176 16.38 26.34 -0.48
CA GLU A 176 15.96 27.54 0.23
C GLU A 176 14.52 27.47 0.69
N ILE A 177 13.66 26.87 -0.14
CA ILE A 177 12.28 26.65 0.26
C ILE A 177 12.19 25.68 1.45
N LEU A 178 12.88 24.56 1.38
CA LEU A 178 12.76 23.58 2.43
C LEU A 178 13.34 24.14 3.73
N LYS A 179 14.50 24.78 3.60
CA LYS A 179 15.14 25.49 4.72
C LYS A 179 14.21 26.56 5.32
N LYS A 180 13.65 27.43 4.47
CA LYS A 180 12.76 28.49 4.95
C LYS A 180 11.64 27.86 5.78
N ALA A 181 11.16 26.69 5.35
CA ALA A 181 10.02 26.02 5.97
C ALA A 181 10.35 25.42 7.33
N HIS A 182 11.64 25.18 7.58
CA HIS A 182 12.07 24.58 8.85
C HIS A 182 12.68 25.63 9.79
N GLU A 183 12.84 26.85 9.28
CA GLU A 183 13.44 27.96 10.03
C GLU A 183 12.98 28.10 11.45
N ASN A 184 11.70 27.83 11.71
CA ASN A 184 11.13 28.01 13.04
C ASN A 184 10.80 26.71 13.75
N GLY A 185 11.48 25.63 13.37
CA GLY A 185 11.20 24.33 13.94
C GLY A 185 9.82 23.82 13.52
N GLY A 186 9.26 22.93 14.33
CA GLY A 186 7.99 22.30 14.04
C GLY A 186 8.27 20.83 13.83
N GLU A 187 7.23 20.01 13.96
CA GLU A 187 7.31 18.57 13.73
C GLU A 187 6.21 18.13 12.78
N TRP A 188 6.58 17.44 11.71
CA TRP A 188 5.60 16.91 10.76
C TRP A 188 5.98 15.52 10.29
N ALA A 189 4.98 14.82 9.77
CA ALA A 189 5.19 13.50 9.24
C ALA A 189 6.09 13.55 8.00
N ASP A 190 5.87 14.57 7.15
CA ASP A 190 6.67 14.70 5.92
C ASP A 190 7.20 16.11 5.74
N ASP A 191 7.67 16.41 4.54
CA ASP A 191 8.22 17.74 4.29
C ASP A 191 7.35 18.61 3.39
N THR A 192 6.40 18.01 2.68
CA THR A 192 5.52 18.81 1.84
C THR A 192 4.64 19.64 2.76
N GLU A 193 4.24 19.08 3.90
CA GLU A 193 3.32 19.78 4.79
C GLU A 193 3.86 21.10 5.29
N PRO A 194 5.08 21.12 5.84
CA PRO A 194 5.63 22.41 6.24
C PRO A 194 5.88 23.36 5.08
N VAL A 195 6.27 22.80 3.95
CA VAL A 195 6.56 23.60 2.76
C VAL A 195 5.29 24.25 2.23
N GLN A 196 4.18 23.54 2.32
CA GLN A 196 2.93 24.07 1.85
C GLN A 196 2.47 25.26 2.71
N LYS A 197 2.78 25.24 4.01
CA LYS A 197 2.45 26.35 4.89
C LYS A 197 3.01 27.68 4.42
N LEU A 198 4.03 27.63 3.56
CA LEU A 198 4.61 28.83 2.94
C LEU A 198 3.86 29.26 1.70
N GLY A 199 2.75 28.61 1.39
CA GLY A 199 2.00 28.94 0.18
C GLY A 199 2.63 28.40 -1.07
N VAL A 200 3.47 27.37 -0.94
CA VAL A 200 4.10 26.70 -2.08
C VAL A 200 3.21 25.51 -2.53
N LYS A 201 2.92 25.44 -3.82
CA LYS A 201 2.16 24.32 -4.38
C LYS A 201 3.03 23.08 -4.40
N ILE A 202 2.45 21.96 -3.98
CA ILE A 202 3.12 20.66 -3.93
C ILE A 202 2.78 19.84 -5.18
N ALA A 203 3.77 19.54 -6.00
CA ALA A 203 3.54 18.70 -7.17
C ALA A 203 3.42 17.27 -6.72
N LEU A 204 2.47 16.56 -7.31
CA LEU A 204 2.30 15.14 -7.08
C LEU A 204 2.89 14.44 -8.29
N VAL A 205 3.60 13.36 -8.04
CA VAL A 205 4.26 12.63 -9.11
C VAL A 205 3.88 11.20 -8.91
N GLU A 206 3.30 10.59 -9.94
CA GLU A 206 2.76 9.23 -9.83
C GLU A 206 3.85 8.25 -9.44
N GLY A 207 3.64 7.55 -8.34
CA GLY A 207 4.56 6.50 -7.91
C GLY A 207 3.96 5.13 -8.18
N ASP A 208 4.44 4.12 -7.48
CA ASP A 208 3.81 2.81 -7.52
C ASP A 208 4.00 2.10 -6.18
N PRO A 209 3.32 0.96 -5.98
CA PRO A 209 3.33 0.27 -4.69
C PRO A 209 4.67 -0.30 -4.19
N LEU A 210 5.68 -0.37 -5.06
CA LEU A 210 7.05 -0.69 -4.65
C LEU A 210 7.68 0.37 -3.74
N CYS A 211 7.05 1.56 -3.70
CA CYS A 211 7.50 2.66 -2.86
C CYS A 211 7.03 2.60 -1.41
N PHE A 212 6.33 1.53 -1.07
CA PHE A 212 5.84 1.30 0.30
C PHE A 212 6.97 1.31 1.33
N LYS A 213 6.60 1.65 2.56
CA LYS A 213 7.55 1.85 3.63
C LYS A 213 7.49 0.63 4.50
N VAL A 214 8.61 -0.03 4.69
CA VAL A 214 8.64 -1.11 5.62
C VAL A 214 8.41 -0.45 6.97
N THR A 215 7.26 -0.76 7.57
CA THR A 215 6.82 -0.17 8.83
C THR A 215 6.49 -1.22 9.90
N PHE A 216 5.83 -2.32 9.52
CA PHE A 216 5.44 -3.38 10.46
C PHE A 216 6.16 -4.71 10.15
N LYS A 217 6.15 -5.63 11.12
CA LYS A 217 6.81 -6.93 10.96
C LYS A 217 6.35 -7.64 9.67
N GLU A 218 5.05 -7.53 9.37
CA GLU A 218 4.45 -8.15 8.18
C GLU A 218 5.04 -7.59 6.88
N ASP A 219 5.51 -6.35 6.91
CA ASP A 219 6.10 -5.73 5.73
C ASP A 219 7.40 -6.42 5.23
N LEU A 220 8.02 -7.25 6.06
CA LEU A 220 9.30 -7.89 5.72
C LEU A 220 9.19 -8.98 4.68
N GLU A 221 8.12 -9.77 4.76
CA GLU A 221 7.86 -10.82 3.78
C GLU A 221 7.88 -10.22 2.37
N LEU A 222 7.16 -9.12 2.17
CA LEU A 222 7.11 -8.47 0.87
C LEU A 222 8.49 -7.94 0.46
N ALA A 223 9.19 -7.31 1.39
CA ALA A 223 10.49 -6.74 1.06
C ALA A 223 11.52 -7.80 0.65
N ARG A 224 11.42 -8.99 1.21
CA ARG A 224 12.31 -10.07 0.85
C ARG A 224 12.01 -10.53 -0.58
N ILE A 225 10.74 -10.52 -0.91
CA ILE A 225 10.28 -10.94 -2.22
C ILE A 225 10.79 -9.99 -3.31
N ILE A 226 10.65 -8.69 -3.14
CA ILE A 226 11.22 -7.75 -4.10
C ILE A 226 12.76 -7.77 -4.11
N ALA A 227 13.36 -7.91 -2.93
CA ALA A 227 14.81 -7.92 -2.78
C ALA A 227 15.46 -9.04 -3.56
N ARG A 228 14.86 -10.22 -3.55
CA ARG A 228 15.35 -11.34 -4.38
C ARG A 228 15.54 -11.00 -5.87
N GLU A 229 14.70 -10.11 -6.39
CA GLU A 229 14.67 -9.76 -7.81
C GLU A 229 15.53 -8.55 -8.13
N TRP A 230 15.86 -7.79 -7.11
CA TRP A 230 16.33 -6.43 -7.32
C TRP A 230 17.65 -6.31 -8.07
N GLU A 231 18.72 -6.88 -7.52
CA GLU A 231 20.06 -6.65 -8.07
C GLU A 231 20.30 -7.57 -9.26
N HIS B 11 -21.95 -26.75 12.73
CA HIS B 11 -22.97 -25.79 12.18
C HIS B 11 -22.51 -25.30 10.80
N HIS B 12 -21.90 -26.20 10.01
CA HIS B 12 -20.82 -25.70 9.18
C HIS B 12 -20.63 -26.00 7.68
N MET B 13 -20.59 -24.87 6.97
CA MET B 13 -19.99 -24.75 5.67
C MET B 13 -19.53 -23.30 5.47
N ASN B 14 -18.34 -23.15 4.88
CA ASN B 14 -17.84 -21.84 4.46
C ASN B 14 -17.64 -21.77 2.96
N VAL B 15 -18.17 -20.72 2.35
CA VAL B 15 -18.04 -20.50 0.91
C VAL B 15 -17.36 -19.15 0.64
N ALA B 16 -16.29 -19.19 -0.15
CA ALA B 16 -15.66 -17.95 -0.65
C ALA B 16 -16.36 -17.46 -1.91
N ILE B 17 -16.72 -16.18 -1.91
CA ILE B 17 -17.28 -15.51 -3.09
C ILE B 17 -16.13 -14.72 -3.71
N LEU B 18 -15.68 -15.15 -4.89
CA LEU B 18 -14.57 -14.51 -5.58
C LEU B 18 -15.15 -13.60 -6.63
N LEU B 19 -14.95 -12.28 -6.47
CA LEU B 19 -15.60 -11.29 -7.33
C LEU B 19 -14.72 -10.97 -8.54
N ALA B 20 -15.26 -11.19 -9.73
CA ALA B 20 -14.52 -11.01 -10.98
C ALA B 20 -15.43 -10.45 -12.09
N ALA B 21 -16.36 -9.57 -11.72
CA ALA B 21 -17.28 -9.00 -12.68
C ALA B 21 -17.01 -7.53 -12.98
N GLY B 22 -15.93 -6.97 -12.44
CA GLY B 22 -15.57 -5.58 -12.71
C GLY B 22 -15.04 -5.35 -14.11
N LYS B 23 -15.03 -4.09 -14.52
CA LYS B 23 -14.52 -3.72 -15.85
C LYS B 23 -13.07 -3.26 -15.82
N GLY B 24 -12.54 -2.94 -14.63
CA GLY B 24 -11.16 -2.47 -14.43
C GLY B 24 -10.82 -1.24 -15.24
N GLU B 25 -11.75 -0.27 -15.28
CA GLU B 25 -11.62 0.85 -16.21
C GLU B 25 -10.46 1.79 -15.91
N ARG B 26 -9.95 1.75 -14.68
CA ARG B 26 -8.80 2.57 -14.27
C ARG B 26 -7.43 1.97 -14.61
N MET B 27 -7.41 0.74 -15.13
CA MET B 27 -6.18 0.11 -15.63
C MET B 27 -5.82 0.62 -17.01
N SER B 28 -6.83 1.21 -17.67
CA SER B 28 -6.79 1.63 -19.06
C SER B 28 -6.29 0.52 -19.99
N GLU B 29 -6.68 -0.71 -19.67
CA GLU B 29 -6.57 -1.81 -20.62
C GLU B 29 -7.89 -1.86 -21.37
N ASN B 30 -8.01 -2.89 -22.21
CA ASN B 30 -9.25 -3.25 -22.91
C ASN B 30 -9.71 -4.63 -22.41
N VAL B 31 -9.01 -5.14 -21.38
CA VAL B 31 -9.23 -6.46 -20.79
C VAL B 31 -9.29 -6.21 -19.28
N PRO B 32 -10.37 -6.63 -18.61
CA PRO B 32 -10.43 -6.37 -17.18
C PRO B 32 -9.28 -7.05 -16.44
N LYS B 33 -8.71 -6.33 -15.49
CA LYS B 33 -7.50 -6.75 -14.79
C LYS B 33 -7.57 -8.16 -14.25
N GLN B 34 -8.77 -8.62 -13.85
CA GLN B 34 -8.93 -9.98 -13.31
C GLN B 34 -8.54 -11.06 -14.33
N PHE B 35 -8.63 -10.76 -15.61
CA PHE B 35 -8.24 -11.70 -16.64
C PHE B 35 -6.90 -11.40 -17.28
N LEU B 36 -6.12 -10.50 -16.70
CA LEU B 36 -4.78 -10.24 -17.20
C LEU B 36 -3.84 -11.41 -16.85
N GLU B 37 -2.94 -11.73 -17.78
CA GLU B 37 -2.03 -12.86 -17.65
C GLU B 37 -0.76 -12.44 -16.89
N ILE B 38 -0.55 -13.00 -15.70
CA ILE B 38 0.71 -12.87 -14.97
C ILE B 38 1.34 -14.25 -14.76
N GLU B 39 2.59 -14.41 -15.19
CA GLU B 39 3.29 -15.72 -15.13
C GLU B 39 2.43 -16.88 -15.65
N GLY B 40 1.82 -16.68 -16.80
CA GLY B 40 1.01 -17.72 -17.43
C GLY B 40 -0.33 -18.01 -16.80
N ARG B 41 -0.73 -17.25 -15.79
CA ARG B 41 -2.02 -17.48 -15.13
C ARG B 41 -2.75 -16.16 -15.09
N MET B 42 -4.07 -16.18 -15.19
CA MET B 42 -4.83 -14.96 -15.04
C MET B 42 -4.90 -14.59 -13.55
N LEU B 43 -5.00 -13.30 -13.27
CA LEU B 43 -5.01 -12.82 -11.90
C LEU B 43 -6.00 -13.51 -10.97
N PHE B 44 -7.18 -13.88 -11.46
CA PHE B 44 -8.18 -14.52 -10.59
C PHE B 44 -7.77 -15.93 -10.18
N GLU B 45 -6.94 -16.55 -11.01
CA GLU B 45 -6.48 -17.91 -10.73
C GLU B 45 -5.71 -17.99 -9.41
N TYR B 46 -4.97 -16.95 -9.09
CA TYR B 46 -4.15 -16.93 -7.88
C TYR B 46 -4.97 -17.04 -6.60
N PRO B 47 -5.92 -16.11 -6.34
CA PRO B 47 -6.71 -16.25 -5.12
C PRO B 47 -7.56 -17.51 -5.16
N LEU B 48 -8.04 -17.85 -6.34
CA LEU B 48 -8.83 -19.05 -6.49
C LEU B 48 -8.12 -20.28 -5.89
N SER B 49 -6.85 -20.46 -6.26
CA SER B 49 -6.08 -21.63 -5.81
C SER B 49 -5.85 -21.63 -4.29
N THR B 50 -5.71 -20.45 -3.70
CA THR B 50 -5.65 -20.34 -2.24
C THR B 50 -6.94 -20.89 -1.59
N PHE B 51 -8.09 -20.49 -2.11
CA PHE B 51 -9.35 -21.01 -1.60
C PHE B 51 -9.43 -22.51 -1.82
N LEU B 52 -9.04 -22.95 -3.02
CA LEU B 52 -9.12 -24.37 -3.36
C LEU B 52 -8.20 -25.17 -2.44
N LYS B 53 -6.93 -24.78 -2.36
CA LYS B 53 -5.98 -25.46 -1.46
C LYS B 53 -6.29 -25.28 0.04
N SER B 54 -7.23 -24.39 0.39
CA SER B 54 -7.54 -24.06 1.79
C SER B 54 -8.63 -24.95 2.42
N GLU B 55 -8.31 -25.48 3.62
CA GLU B 55 -9.20 -26.40 4.37
C GLU B 55 -10.33 -25.68 5.10
N ALA B 56 -10.24 -24.35 5.19
CA ALA B 56 -11.26 -23.54 5.83
C ALA B 56 -12.43 -23.29 4.88
N ILE B 57 -12.24 -23.63 3.61
CA ILE B 57 -13.22 -23.30 2.57
C ILE B 57 -13.88 -24.54 1.97
N ASP B 58 -15.17 -24.67 2.22
CA ASP B 58 -15.92 -25.79 1.70
C ASP B 58 -16.33 -25.60 0.24
N GLY B 59 -16.62 -24.36 -0.16
CA GLY B 59 -17.03 -24.06 -1.53
C GLY B 59 -16.55 -22.71 -2.02
N VAL B 60 -16.60 -22.53 -3.34
CA VAL B 60 -16.25 -21.28 -3.99
C VAL B 60 -17.28 -20.92 -5.03
N VAL B 61 -17.71 -19.66 -5.00
CA VAL B 61 -18.56 -19.09 -6.04
C VAL B 61 -17.75 -18.01 -6.72
N ILE B 62 -17.74 -18.06 -8.05
CA ILE B 62 -17.04 -17.08 -8.84
C ILE B 62 -18.06 -16.19 -9.54
N VAL B 63 -17.99 -14.88 -9.26
CA VAL B 63 -18.89 -13.92 -9.87
C VAL B 63 -18.16 -13.23 -11.03
N THR B 64 -18.70 -13.33 -12.23
CA THR B 64 -18.05 -12.70 -13.38
C THR B 64 -19.08 -12.21 -14.36
N ARG B 65 -18.61 -11.57 -15.42
CA ARG B 65 -19.50 -10.98 -16.43
C ARG B 65 -19.81 -12.04 -17.46
N ARG B 66 -21.06 -12.02 -17.95
CA ARG B 66 -21.56 -13.00 -18.93
C ARG B 66 -20.59 -13.41 -20.05
N GLU B 67 -19.93 -12.44 -20.67
CA GLU B 67 -19.10 -12.76 -21.84
C GLU B 67 -17.75 -13.40 -21.48
N TRP B 68 -17.38 -13.31 -20.21
CA TRP B 68 -16.18 -13.99 -19.75
C TRP B 68 -16.44 -15.36 -19.10
N PHE B 69 -17.68 -15.87 -19.17
CA PHE B 69 -18.03 -17.14 -18.51
C PHE B 69 -17.11 -18.29 -18.91
N GLU B 70 -16.97 -18.53 -20.21
CA GLU B 70 -16.23 -19.68 -20.72
C GLU B 70 -14.74 -19.58 -20.41
N VAL B 71 -14.24 -18.34 -20.30
CA VAL B 71 -12.84 -18.13 -19.93
C VAL B 71 -12.59 -18.61 -18.51
N VAL B 72 -13.60 -18.43 -17.65
CA VAL B 72 -13.52 -18.84 -16.26
C VAL B 72 -13.69 -20.36 -16.13
N GLU B 73 -14.72 -20.89 -16.79
CA GLU B 73 -14.95 -22.33 -16.86
C GLU B 73 -13.70 -23.10 -17.26
N LYS B 74 -13.05 -22.62 -18.31
CA LYS B 74 -11.87 -23.26 -18.87
C LYS B 74 -10.75 -23.44 -17.83
N ARG B 75 -10.69 -22.56 -16.83
CA ARG B 75 -9.61 -22.56 -15.82
C ARG B 75 -10.08 -23.10 -14.46
N VAL B 76 -11.21 -23.78 -14.47
CA VAL B 76 -11.74 -24.49 -13.31
C VAL B 76 -11.41 -25.99 -13.41
N PHE B 77 -10.54 -26.45 -12.50
CA PHE B 77 -10.07 -27.84 -12.45
C PHE B 77 -10.39 -28.51 -11.09
N HIS B 78 -11.47 -28.09 -10.42
CA HIS B 78 -11.74 -28.52 -9.05
C HIS B 78 -13.22 -28.59 -8.69
N GLU B 79 -13.58 -29.63 -7.94
CA GLU B 79 -14.95 -29.88 -7.49
C GLU B 79 -15.45 -28.73 -6.63
N LYS B 80 -14.56 -28.22 -5.78
CA LYS B 80 -14.90 -27.25 -4.75
C LYS B 80 -15.63 -26.01 -5.27
N VAL B 81 -15.48 -25.71 -6.58
CA VAL B 81 -16.20 -24.60 -7.21
C VAL B 81 -17.67 -24.95 -7.39
N LEU B 82 -18.52 -24.30 -6.60
CA LEU B 82 -19.95 -24.58 -6.60
C LEU B 82 -20.61 -24.01 -7.85
N GLY B 83 -20.07 -22.93 -8.41
CA GLY B 83 -20.67 -22.30 -9.58
C GLY B 83 -20.08 -20.98 -10.08
N ILE B 84 -20.58 -20.55 -11.23
CA ILE B 84 -20.21 -19.29 -11.85
C ILE B 84 -21.46 -18.44 -12.01
N VAL B 85 -21.52 -17.34 -11.28
CA VAL B 85 -22.70 -16.48 -11.23
C VAL B 85 -22.42 -15.22 -12.01
N GLU B 86 -23.46 -14.67 -12.62
CA GLU B 86 -23.35 -13.48 -13.40
C GLU B 86 -23.44 -12.31 -12.44
N GLY B 87 -22.44 -11.44 -12.51
CA GLY B 87 -22.37 -10.26 -11.67
C GLY B 87 -23.37 -9.20 -12.11
N GLY B 88 -23.17 -8.00 -11.58
CA GLY B 88 -23.98 -6.83 -11.94
C GLY B 88 -23.06 -5.69 -12.31
N ASP B 89 -23.59 -4.47 -12.32
CA ASP B 89 -22.84 -3.29 -12.75
C ASP B 89 -22.08 -2.62 -11.62
N THR B 90 -22.23 -3.10 -10.39
CA THR B 90 -21.49 -2.56 -9.26
C THR B 90 -21.05 -3.69 -8.38
N ARG B 91 -20.00 -3.43 -7.62
CA ARG B 91 -19.50 -4.42 -6.71
C ARG B 91 -20.63 -4.92 -5.81
N SER B 92 -21.42 -4.00 -5.24
CA SER B 92 -22.54 -4.37 -4.34
C SER B 92 -23.53 -5.32 -5.03
N GLN B 93 -23.90 -4.97 -6.26
CA GLN B 93 -24.79 -5.81 -7.07
C GLN B 93 -24.18 -7.16 -7.39
N SER B 94 -22.87 -7.20 -7.58
CA SER B 94 -22.23 -8.47 -7.88
C SER B 94 -22.26 -9.38 -6.65
N VAL B 95 -22.04 -8.78 -5.48
CA VAL B 95 -22.13 -9.51 -4.21
C VAL B 95 -23.55 -10.06 -4.03
N ARG B 96 -24.57 -9.23 -4.26
CA ARG B 96 -25.98 -9.70 -4.14
C ARG B 96 -26.29 -10.87 -5.07
N SER B 97 -25.82 -10.79 -6.32
CA SER B 97 -25.95 -11.90 -7.26
C SER B 97 -25.55 -13.22 -6.63
N ALA B 98 -24.45 -13.21 -5.89
CA ALA B 98 -23.89 -14.44 -5.35
C ALA B 98 -24.71 -14.96 -4.18
N LEU B 99 -25.18 -14.01 -3.35
CA LEU B 99 -26.03 -14.33 -2.22
C LEU B 99 -27.23 -15.14 -2.71
N GLU B 100 -27.83 -14.69 -3.81
CA GLU B 100 -29.03 -15.35 -4.34
C GLU B 100 -28.71 -16.79 -4.72
N PHE B 101 -27.66 -16.96 -5.53
CA PHE B 101 -27.17 -18.29 -5.87
C PHE B 101 -26.95 -19.17 -4.63
N LEU B 102 -26.35 -18.61 -3.57
CA LEU B 102 -26.03 -19.37 -2.35
C LEU B 102 -27.22 -19.68 -1.39
N GLU B 103 -28.37 -19.04 -1.60
CA GLU B 103 -29.57 -19.33 -0.82
C GLU B 103 -29.81 -20.85 -0.70
N LYS B 104 -29.66 -21.55 -1.83
CA LYS B 104 -29.82 -23.00 -1.88
C LYS B 104 -28.74 -23.81 -1.18
N PHE B 105 -27.61 -23.19 -0.88
CA PHE B 105 -26.51 -23.88 -0.22
C PHE B 105 -26.49 -23.66 1.29
N SER B 106 -27.16 -22.59 1.74
CA SER B 106 -27.33 -22.29 3.18
C SER B 106 -26.02 -22.20 3.97
N PRO B 107 -25.00 -21.52 3.44
CA PRO B 107 -23.70 -21.50 4.15
C PRO B 107 -23.79 -20.72 5.47
N SER B 108 -22.92 -21.09 6.41
CA SER B 108 -22.93 -20.45 7.72
C SER B 108 -22.24 -19.10 7.60
N TYR B 109 -21.07 -19.13 6.98
CA TYR B 109 -20.28 -17.94 6.76
C TYR B 109 -19.91 -17.81 5.29
N VAL B 110 -19.85 -16.56 4.83
CA VAL B 110 -19.33 -16.23 3.50
C VAL B 110 -18.13 -15.29 3.62
N LEU B 111 -17.12 -15.59 2.81
CA LEU B 111 -15.91 -14.79 2.73
C LEU B 111 -15.92 -14.18 1.34
N VAL B 112 -15.84 -12.85 1.27
CA VAL B 112 -15.89 -12.16 0.00
C VAL B 112 -14.52 -11.63 -0.30
N HIS B 113 -14.05 -11.82 -1.53
CA HIS B 113 -12.71 -11.39 -1.88
C HIS B 113 -12.56 -10.81 -3.30
N ASP B 114 -12.02 -9.59 -3.36
CA ASP B 114 -11.66 -8.95 -4.63
C ASP B 114 -10.62 -9.78 -5.38
N SER B 115 -10.96 -10.21 -6.58
CA SER B 115 -10.05 -11.04 -7.37
C SER B 115 -8.84 -10.25 -7.82
N ALA B 116 -8.98 -8.93 -7.89
CA ALA B 116 -7.86 -8.06 -8.23
C ALA B 116 -6.88 -7.90 -7.07
N ARG B 117 -7.18 -8.51 -5.93
CA ARG B 117 -6.20 -8.73 -4.87
C ARG B 117 -5.75 -10.16 -5.01
N PRO B 118 -4.71 -10.42 -5.81
CA PRO B 118 -4.42 -11.79 -6.20
C PRO B 118 -3.69 -12.64 -5.18
N PHE B 119 -2.87 -12.02 -4.32
CA PHE B 119 -1.89 -12.75 -3.53
C PHE B 119 -2.36 -12.95 -2.11
N LEU B 120 -3.44 -13.70 -2.02
CA LEU B 120 -4.08 -14.06 -0.78
C LEU B 120 -3.36 -15.27 -0.17
N ARG B 121 -3.15 -15.24 1.14
CA ARG B 121 -2.54 -16.36 1.86
C ARG B 121 -3.60 -17.20 2.63
N LYS B 122 -3.30 -18.49 2.81
CA LYS B 122 -4.07 -19.36 3.71
C LYS B 122 -4.34 -18.70 5.07
N LYS B 123 -3.27 -18.19 5.68
CA LYS B 123 -3.34 -17.62 7.02
C LYS B 123 -4.55 -16.71 7.14
N HIS B 124 -4.67 -15.78 6.20
CA HIS B 124 -5.73 -14.77 6.23
C HIS B 124 -7.12 -15.33 6.00
N VAL B 125 -7.25 -16.28 5.09
CA VAL B 125 -8.54 -16.91 4.83
C VAL B 125 -9.11 -17.58 6.08
N SER B 126 -8.28 -18.31 6.80
CA SER B 126 -8.74 -18.92 8.06
C SER B 126 -8.82 -17.90 9.21
N GLU B 127 -7.89 -16.95 9.25
CA GLU B 127 -7.89 -16.00 10.37
C GLU B 127 -9.08 -15.07 10.29
N VAL B 128 -9.45 -14.68 9.07
CA VAL B 128 -10.61 -13.80 8.85
C VAL B 128 -11.90 -14.52 9.20
N LEU B 129 -11.98 -15.81 8.89
CA LEU B 129 -13.18 -16.59 9.19
C LEU B 129 -13.33 -16.85 10.70
N ARG B 130 -12.23 -17.21 11.36
CA ARG B 130 -12.26 -17.42 12.82
C ARG B 130 -12.79 -16.17 13.48
N ARG B 131 -12.24 -15.02 13.11
CA ARG B 131 -12.59 -13.74 13.74
C ARG B 131 -13.96 -13.17 13.33
N ALA B 132 -14.52 -13.67 12.24
CA ALA B 132 -15.86 -13.27 11.87
C ALA B 132 -16.90 -13.92 12.80
N ARG B 133 -16.54 -15.03 13.46
CA ARG B 133 -17.50 -15.78 14.30
C ARG B 133 -17.95 -15.07 15.58
N GLU B 134 -17.13 -14.14 16.09
CA GLU B 134 -17.43 -13.47 17.37
C GLU B 134 -18.50 -12.39 17.24
N THR B 135 -18.42 -11.56 16.20
CA THR B 135 -19.41 -10.51 15.94
C THR B 135 -20.31 -10.81 14.73
N GLY B 136 -19.91 -11.79 13.92
CA GLY B 136 -20.59 -12.04 12.67
C GLY B 136 -20.02 -11.24 11.52
N ALA B 137 -19.04 -10.38 11.79
CA ALA B 137 -18.40 -9.57 10.73
C ALA B 137 -16.94 -9.28 11.05
N ALA B 138 -16.10 -9.42 10.03
CA ALA B 138 -14.69 -9.08 10.16
C ALA B 138 -14.14 -8.77 8.80
N THR B 139 -13.05 -7.99 8.76
CA THR B 139 -12.34 -7.72 7.51
C THR B 139 -10.86 -7.68 7.72
N LEU B 140 -10.15 -8.01 6.65
CA LEU B 140 -8.72 -7.86 6.69
C LEU B 140 -8.49 -6.35 6.55
N ALA B 141 -7.56 -5.84 7.34
CA ALA B 141 -7.26 -4.43 7.35
C ALA B 141 -5.78 -4.21 7.54
N LEU B 142 -5.37 -3.00 7.24
CA LEU B 142 -3.96 -2.64 7.27
C LEU B 142 -3.84 -1.22 7.82
N LYS B 143 -3.11 -1.06 8.91
CA LYS B 143 -2.82 0.24 9.46
C LYS B 143 -2.11 1.12 8.41
N ASN B 144 -2.58 2.36 8.29
CA ASN B 144 -1.97 3.35 7.42
C ASN B 144 -0.55 3.57 7.84
N SER B 145 0.32 3.85 6.89
CA SER B 145 1.73 4.07 7.20
C SER B 145 2.36 5.13 6.29
N ASP B 146 1.51 5.98 5.73
CA ASP B 146 1.92 7.06 4.87
C ASP B 146 1.31 8.33 5.36
N ALA B 147 1.99 9.45 5.13
CA ALA B 147 1.31 10.74 5.17
C ALA B 147 0.16 10.64 4.17
N LEU B 148 -1.00 11.17 4.56
CA LEU B 148 -2.22 11.05 3.76
C LEU B 148 -2.77 12.43 3.40
N VAL B 149 -3.26 12.57 2.17
CA VAL B 149 -3.80 13.85 1.70
C VAL B 149 -5.00 13.74 0.79
N ARG B 150 -5.75 14.84 0.75
CA ARG B 150 -6.91 15.02 -0.12
C ARG B 150 -6.65 16.23 -1.01
N VAL B 151 -6.92 16.13 -2.31
CA VAL B 151 -6.83 17.29 -3.21
C VAL B 151 -8.11 18.13 -3.24
N GLU B 152 -7.91 19.44 -3.32
CA GLU B 152 -8.99 20.42 -3.37
C GLU B 152 -8.57 21.53 -4.32
N ASN B 153 -8.66 21.24 -5.62
CA ASN B 153 -8.39 22.20 -6.71
C ASN B 153 -7.01 22.90 -6.64
N ASP B 154 -5.94 22.16 -6.96
CA ASP B 154 -4.57 22.68 -6.94
C ASP B 154 -4.19 23.22 -5.55
N ARG B 155 -4.73 22.56 -4.53
CA ARG B 155 -4.45 22.83 -3.12
C ARG B 155 -4.74 21.54 -2.33
N ILE B 156 -3.72 21.00 -1.65
CA ILE B 156 -3.90 19.75 -0.89
C ILE B 156 -4.13 19.94 0.60
N GLU B 157 -4.74 18.94 1.22
CA GLU B 157 -5.12 18.99 2.62
C GLU B 157 -4.67 17.69 3.32
N TYR B 158 -4.10 17.83 4.51
CA TYR B 158 -3.48 16.72 5.22
C TYR B 158 -4.44 16.06 6.22
N ILE B 159 -4.82 14.83 5.94
CA ILE B 159 -5.78 14.11 6.73
C ILE B 159 -5.11 13.64 8.02
N PRO B 160 -5.81 13.81 9.17
CA PRO B 160 -5.29 13.23 10.41
C PRO B 160 -5.24 11.72 10.31
N ARG B 161 -4.15 11.12 10.80
CA ARG B 161 -3.86 9.71 10.58
C ARG B 161 -4.27 8.75 11.70
N LYS B 162 -4.69 9.27 12.86
CA LYS B 162 -4.93 8.43 14.01
C LYS B 162 -6.02 7.45 13.72
N GLY B 163 -5.74 6.17 13.94
CA GLY B 163 -6.75 5.13 13.82
C GLY B 163 -7.20 4.84 12.40
N VAL B 164 -6.41 5.28 11.42
CA VAL B 164 -6.77 5.08 10.02
C VAL B 164 -6.28 3.75 9.45
N TYR B 165 -7.19 3.01 8.86
CA TYR B 165 -6.88 1.71 8.29
C TYR B 165 -7.27 1.68 6.82
N ARG B 166 -6.49 0.95 6.05
CA ARG B 166 -6.88 0.59 4.69
C ARG B 166 -7.70 -0.65 4.83
N ILE B 167 -8.91 -0.65 4.28
CA ILE B 167 -9.78 -1.83 4.35
C ILE B 167 -9.52 -2.73 3.15
N LEU B 168 -9.15 -3.99 3.43
CA LEU B 168 -8.82 -4.97 2.36
C LEU B 168 -9.90 -6.03 2.22
N THR B 169 -9.65 -7.02 1.36
CA THR B 169 -10.40 -8.27 1.40
C THR B 169 -9.35 -9.35 1.56
N PRO B 170 -9.72 -10.53 2.07
CA PRO B 170 -11.06 -11.03 2.33
C PRO B 170 -11.83 -10.27 3.40
N GLN B 171 -13.15 -10.28 3.25
CA GLN B 171 -14.07 -9.87 4.29
C GLN B 171 -15.04 -11.04 4.48
N ALA B 172 -15.22 -11.50 5.72
CA ALA B 172 -16.07 -12.63 6.00
C ALA B 172 -17.22 -12.26 6.92
N PHE B 173 -18.39 -12.78 6.64
CA PHE B 173 -19.58 -12.54 7.47
C PHE B 173 -20.38 -13.82 7.65
N SER B 174 -21.20 -13.85 8.69
CA SER B 174 -22.23 -14.87 8.76
C SER B 174 -23.18 -14.57 7.60
N TYR B 175 -23.60 -15.61 6.91
CA TYR B 175 -24.48 -15.47 5.77
C TYR B 175 -25.68 -14.55 6.09
N GLU B 176 -26.54 -14.99 7.03
CA GLU B 176 -27.77 -14.25 7.41
C GLU B 176 -27.58 -12.73 7.54
N ILE B 177 -26.50 -12.33 8.22
CA ILE B 177 -26.18 -10.93 8.47
C ILE B 177 -25.92 -10.14 7.18
N LEU B 178 -25.10 -10.72 6.31
CA LEU B 178 -24.79 -10.04 5.05
C LEU B 178 -26.07 -9.82 4.25
N LYS B 179 -26.82 -10.91 4.08
CA LYS B 179 -28.17 -10.88 3.52
C LYS B 179 -28.98 -9.71 4.11
N LYS B 180 -29.01 -9.60 5.44
CA LYS B 180 -29.79 -8.53 6.06
C LYS B 180 -29.26 -7.15 5.66
N ALA B 181 -27.94 -7.04 5.48
CA ALA B 181 -27.35 -5.75 5.13
C ALA B 181 -27.69 -5.33 3.70
N HIS B 182 -27.95 -6.30 2.84
CA HIS B 182 -28.18 -6.01 1.43
C HIS B 182 -29.64 -6.01 1.02
N GLU B 183 -30.52 -6.55 1.86
CA GLU B 183 -31.90 -6.86 1.45
C GLU B 183 -32.77 -5.68 0.95
N ASN B 184 -32.37 -4.45 1.29
CA ASN B 184 -33.01 -3.26 0.72
C ASN B 184 -32.13 -2.56 -0.35
N GLY B 185 -31.20 -3.30 -0.97
CA GLY B 185 -30.36 -2.76 -2.04
C GLY B 185 -29.32 -1.84 -1.47
N GLY B 186 -28.77 -0.95 -2.30
CA GLY B 186 -27.73 0.01 -1.86
C GLY B 186 -26.43 -0.16 -2.62
N GLU B 187 -25.52 0.82 -2.53
CA GLU B 187 -24.19 0.75 -3.18
C GLU B 187 -23.03 1.20 -2.26
N TRP B 188 -22.05 0.34 -2.05
CA TRP B 188 -20.89 0.68 -1.23
C TRP B 188 -19.60 0.09 -1.78
N ALA B 189 -18.48 0.72 -1.41
CA ALA B 189 -17.17 0.24 -1.81
C ALA B 189 -16.86 -1.17 -1.31
N ASP B 190 -17.41 -1.52 -0.14
CA ASP B 190 -17.21 -2.84 0.43
C ASP B 190 -18.48 -3.33 1.14
N ASP B 191 -18.35 -4.41 1.89
CA ASP B 191 -19.48 -4.99 2.57
C ASP B 191 -19.48 -4.76 4.08
N THR B 192 -18.39 -4.28 4.67
CA THR B 192 -18.43 -3.97 6.10
C THR B 192 -19.30 -2.75 6.38
N GLU B 193 -19.26 -1.76 5.50
CA GLU B 193 -20.04 -0.54 5.70
C GLU B 193 -21.55 -0.75 5.79
N PRO B 194 -22.14 -1.51 4.86
CA PRO B 194 -23.58 -1.73 4.98
C PRO B 194 -23.95 -2.56 6.20
N VAL B 195 -23.08 -3.51 6.53
CA VAL B 195 -23.27 -4.39 7.68
C VAL B 195 -23.19 -3.58 8.98
N GLN B 196 -22.24 -2.64 9.06
CA GLN B 196 -22.15 -1.79 10.25
C GLN B 196 -23.39 -0.94 10.49
N LYS B 197 -24.04 -0.50 9.41
CA LYS B 197 -25.28 0.27 9.54
C LYS B 197 -26.36 -0.50 10.29
N LEU B 198 -26.31 -1.83 10.25
CA LEU B 198 -27.20 -2.65 11.08
C LEU B 198 -26.79 -2.71 12.54
N GLY B 199 -25.81 -1.91 12.94
CA GLY B 199 -25.32 -1.92 14.30
C GLY B 199 -24.57 -3.19 14.66
N VAL B 200 -23.78 -3.71 13.72
CA VAL B 200 -22.88 -4.84 14.01
C VAL B 200 -21.45 -4.33 14.10
N LYS B 201 -20.69 -4.78 15.10
CA LYS B 201 -19.29 -4.38 15.23
C LYS B 201 -18.43 -5.17 14.25
N ILE B 202 -17.42 -4.50 13.70
CA ILE B 202 -16.60 -5.04 12.64
C ILE B 202 -15.22 -5.39 13.21
N ALA B 203 -14.85 -6.66 13.17
CA ALA B 203 -13.52 -7.08 13.64
C ALA B 203 -12.45 -6.77 12.57
N LEU B 204 -11.45 -6.01 12.94
CA LEU B 204 -10.38 -5.73 12.01
C LEU B 204 -9.37 -6.83 12.18
N VAL B 205 -8.89 -7.37 11.07
CA VAL B 205 -7.89 -8.40 11.13
C VAL B 205 -6.65 -7.87 10.43
N GLU B 206 -5.51 -8.03 11.08
CA GLU B 206 -4.26 -7.50 10.57
C GLU B 206 -3.81 -8.32 9.36
N GLY B 207 -3.65 -7.65 8.22
CA GLY B 207 -3.15 -8.29 7.02
C GLY B 207 -1.75 -7.78 6.72
N ASP B 208 -1.39 -7.78 5.45
CA ASP B 208 -0.08 -7.35 5.03
C ASP B 208 -0.11 -6.80 3.60
N PRO B 209 0.95 -6.08 3.18
CA PRO B 209 0.92 -5.37 1.90
C PRO B 209 0.76 -6.24 0.67
N LEU B 210 1.03 -7.55 0.79
CA LEU B 210 0.75 -8.50 -0.31
C LEU B 210 -0.74 -8.54 -0.71
N CYS B 211 -1.60 -8.00 0.15
CA CYS B 211 -3.05 -7.95 -0.13
C CYS B 211 -3.53 -6.80 -0.97
N PHE B 212 -2.60 -6.05 -1.54
CA PHE B 212 -2.95 -4.92 -2.34
C PHE B 212 -3.79 -5.36 -3.54
N LYS B 213 -4.50 -4.40 -4.11
CA LYS B 213 -5.43 -4.60 -5.19
C LYS B 213 -4.81 -3.99 -6.41
N VAL B 214 -4.64 -4.80 -7.44
CA VAL B 214 -4.24 -4.33 -8.74
C VAL B 214 -5.32 -3.41 -9.27
N THR B 215 -5.08 -2.11 -9.15
CA THR B 215 -6.04 -1.07 -9.53
C THR B 215 -5.56 -0.20 -10.72
N PHE B 216 -4.27 0.12 -10.77
CA PHE B 216 -3.71 0.96 -11.83
C PHE B 216 -2.63 0.22 -12.62
N LYS B 217 -2.33 0.73 -13.82
CA LYS B 217 -1.30 0.15 -14.67
C LYS B 217 0.02 -0.05 -13.91
N GLU B 218 0.36 0.91 -13.06
CA GLU B 218 1.61 0.91 -12.32
C GLU B 218 1.70 -0.25 -11.31
N ASP B 219 0.57 -0.90 -11.06
CA ASP B 219 0.52 -2.02 -10.13
C ASP B 219 1.04 -3.32 -10.71
N LEU B 220 1.11 -3.43 -12.02
CA LEU B 220 1.37 -4.72 -12.65
C LEU B 220 2.77 -5.27 -12.41
N GLU B 221 3.76 -4.40 -12.43
CA GLU B 221 5.10 -4.82 -12.20
C GLU B 221 5.22 -5.58 -10.88
N LEU B 222 4.66 -5.01 -9.83
CA LEU B 222 4.71 -5.64 -8.51
C LEU B 222 3.93 -6.96 -8.47
N ALA B 223 2.80 -7.02 -9.16
CA ALA B 223 2.10 -8.28 -9.33
C ALA B 223 2.99 -9.34 -9.98
N ARG B 224 3.75 -8.94 -11.00
CA ARG B 224 4.64 -9.88 -11.71
C ARG B 224 5.76 -10.39 -10.82
N ILE B 225 6.26 -9.52 -9.94
CA ILE B 225 7.37 -9.86 -9.06
C ILE B 225 6.93 -10.91 -8.05
N ILE B 226 5.77 -10.68 -7.47
CA ILE B 226 5.22 -11.59 -6.49
C ILE B 226 4.76 -12.91 -7.14
N ALA B 227 4.14 -12.83 -8.31
CA ALA B 227 3.73 -14.01 -9.07
C ALA B 227 4.88 -14.98 -9.31
N ARG B 228 6.06 -14.46 -9.64
CA ARG B 228 7.25 -15.30 -9.86
C ARG B 228 7.59 -16.19 -8.68
N GLU B 229 7.03 -15.89 -7.51
CA GLU B 229 7.36 -16.57 -6.26
C GLU B 229 6.29 -17.58 -5.83
N TRP B 230 5.06 -17.36 -6.25
CA TRP B 230 3.97 -18.33 -6.02
C TRP B 230 4.37 -19.76 -6.42
MG MG C . 8.09 7.27 12.91
N1 CTP D . 13.54 8.88 10.60
C2 CTP D . 14.72 9.58 10.77
N3 CTP D . 15.01 10.13 12.01
C4 CTP D . 14.09 10.06 13.04
C5 CTP D . 12.89 9.38 12.84
C6 CTP D . 12.56 8.95 11.55
O2 CTP D . 15.49 9.69 9.81
N4 CTP D . 14.34 10.65 14.22
C1' CTP D . 13.31 8.18 9.31
C2' CTP D . 13.28 6.68 9.49
O2' CTP D . 14.56 6.06 9.64
C3' CTP D . 12.53 6.28 8.22
C4' CTP D . 11.71 7.52 7.87
O4' CTP D . 12.07 8.54 8.75
O3' CTP D . 13.41 5.96 7.17
C5' CTP D . 10.20 7.26 7.94
O5' CTP D . 9.71 7.17 9.26
PA CTP D . 9.13 5.81 9.94
O1A CTP D . 8.76 4.81 8.89
O2A CTP D . 7.97 6.10 10.86
O3A CTP D . 10.45 5.33 10.71
PB CTP D . 10.62 5.07 12.27
O1B CTP D . 10.50 6.35 13.06
O2B CTP D . 11.94 4.40 12.56
O3B CTP D . 9.43 4.02 12.61
PG CTP D . 8.52 4.02 13.95
O1G CTP D . 9.50 4.20 15.11
O2G CTP D . 7.82 2.68 13.99
O3G CTP D . 7.49 5.15 13.93
C ACY E . 3.91 6.87 9.25
O ACY E . 4.97 6.97 9.93
OXT ACY E . 3.08 5.97 9.44
CH3 ACY E . 3.63 7.88 8.17
MG MG F . -14.74 -0.19 -9.11
N1 CTP G . -16.39 -6.02 -8.81
C2 CTP G . -17.36 -6.93 -9.24
N3 CTP G . -18.50 -6.46 -9.86
C4 CTP G . -18.56 -5.15 -10.25
C5 CTP G . -17.50 -4.28 -9.97
C6 CTP G . -16.51 -4.69 -9.07
O2 CTP G . -17.22 -8.15 -9.11
N4 CTP G . -19.64 -4.73 -10.92
C1' CTP G . -15.15 -6.56 -8.21
C2' CTP G . -13.98 -6.55 -9.20
O2' CTP G . -13.95 -7.69 -10.05
C3' CTP G . -12.76 -6.44 -8.28
C4' CTP G . -13.32 -5.97 -6.96
O4' CTP G . -14.72 -5.80 -7.10
O3' CTP G . -12.06 -7.67 -8.07
C5' CTP G . -12.65 -4.69 -6.47
O5' CTP G . -13.17 -3.54 -7.08
PA CTP G . -12.36 -2.63 -8.14
O1A CTP G . -10.87 -2.61 -7.86
O2A CTP G . -12.94 -1.23 -8.06
O3A CTP G . -12.63 -3.34 -9.60
PB CTP G . -13.14 -2.57 -10.94
O1B CTP G . -14.55 -2.06 -10.68
O2B CTP G . -13.08 -3.48 -12.15
O3B CTP G . -12.11 -1.33 -11.17
PG CTP G . -12.53 0.11 -11.80
O1G CTP G . -13.57 -0.15 -12.87
O2G CTP G . -11.36 0.79 -12.48
O3G CTP G . -12.98 1.00 -10.66
C ACY H . -11.35 1.60 -4.60
O ACY H . -10.57 2.55 -4.84
OXT ACY H . -11.67 0.73 -5.45
CH3 ACY H . -11.95 1.48 -3.24
#